data_8TLZ
#
_entry.id   8TLZ
#
_cell.length_a   127.823
_cell.length_b   127.823
_cell.length_c   157.017
_cell.angle_alpha   90.00
_cell.angle_beta   90.00
_cell.angle_gamma   120.00
#
_symmetry.space_group_name_H-M   'P 61 2 2'
#
loop_
_entity.id
_entity.type
_entity.pdbx_description
1 polymer 'MHC class I polypeptide-related sequence A'
2 branched beta-D-mannopyranose-(1-4)-2-acetamido-2-deoxy-beta-D-glucopyranose-(1-4)-2-acetamido-2-deoxy-beta-D-glucopyranose
3 non-polymer '(2S)-2-hydroxybutanedioic acid'
4 non-polymer 2-acetamido-2-deoxy-beta-D-glucopyranose
5 non-polymer GLYCEROL
6 water water
#
_entity_poly.entity_id   1
_entity_poly.type   'polypeptide(L)'
_entity_poly.pdbx_seq_one_letter_code
;EPHSLRYNLTVLSWDGSVQSGFLTEVHLDGQPFLRCDRQKCRAKPQGQWAEDVLGNKTWDRETRDLTGWGKDLRMTLAHI
KDQKEGLHSLQEIRVCEIHEDNSTRSSQHFYYDGELFLSQNLETLEWTMPQSSRAQTLAMNVRNFLKEDAMETDTHYHAM
RADCLSELRRYLKSGVVLRRTVHHHHHH
;
_entity_poly.pdbx_strand_id   A,B
#
# COMPACT_ATOMS: atom_id res chain seq x y z
N GLU A 1 -1.52 10.77 18.01
CA GLU A 1 -1.57 9.36 18.48
C GLU A 1 -1.45 8.20 17.46
N PRO A 2 -1.74 8.42 16.14
CA PRO A 2 -1.37 7.35 15.20
C PRO A 2 0.13 7.39 14.87
N HIS A 3 0.78 6.22 14.89
CA HIS A 3 2.23 6.10 14.67
C HIS A 3 2.57 5.03 13.64
N SER A 4 3.74 5.16 13.02
CA SER A 4 4.23 4.22 12.00
C SER A 4 5.75 4.09 12.01
N LEU A 5 6.22 2.89 11.71
CA LEU A 5 7.65 2.62 11.53
C LEU A 5 7.84 2.04 10.15
N ARG A 6 8.82 2.56 9.41
CA ARG A 6 9.07 2.15 8.03
C ARG A 6 10.56 1.89 7.84
N TYR A 7 10.91 0.65 7.48
CA TYR A 7 12.27 0.29 7.07
C TYR A 7 12.36 0.18 5.55
N ASN A 8 13.46 0.65 4.98
CA ASN A 8 13.70 0.61 3.53
C ASN A 8 15.16 0.18 3.33
N LEU A 9 15.36 -1.08 2.94
CA LEU A 9 16.71 -1.63 2.73
C LEU A 9 16.96 -1.90 1.25
N THR A 10 18.10 -1.43 0.74
CA THR A 10 18.46 -1.56 -0.68
C THR A 10 19.79 -2.29 -0.84
N VAL A 11 19.83 -3.20 -1.82
CA VAL A 11 21.06 -3.88 -2.24
C VAL A 11 21.19 -3.75 -3.77
N LEU A 12 22.42 -3.72 -4.25
CA LEU A 12 22.74 -3.43 -5.65
C LEU A 12 23.56 -4.54 -6.29
N SER A 13 23.42 -4.72 -7.60
CA SER A 13 24.28 -5.61 -8.38
C SER A 13 24.80 -4.89 -9.63
N TRP A 14 26.04 -5.21 -10.00
CA TRP A 14 26.71 -4.63 -11.17
C TRP A 14 27.22 -5.76 -12.03
N ASP A 15 26.81 -5.79 -13.30
CA ASP A 15 27.12 -6.90 -14.22
C ASP A 15 26.83 -8.28 -13.61
N GLY A 16 25.70 -8.40 -12.89
CA GLY A 16 25.32 -9.64 -12.22
C GLY A 16 25.99 -9.93 -10.89
N SER A 17 27.02 -9.16 -10.52
CA SER A 17 27.76 -9.35 -9.28
C SER A 17 27.13 -8.50 -8.17
N VAL A 18 26.65 -9.14 -7.10
CA VAL A 18 25.96 -8.40 -6.01
C VAL A 18 27.00 -7.68 -5.15
N GLN A 19 26.78 -6.40 -4.93
CA GLN A 19 27.81 -5.54 -4.30
C GLN A 19 27.88 -5.87 -2.83
N SER A 20 28.98 -5.50 -2.20
CA SER A 20 29.13 -5.66 -0.76
C SER A 20 28.32 -4.61 0.00
N GLY A 21 27.71 -5.05 1.09
CA GLY A 21 26.99 -4.15 2.00
C GLY A 21 25.55 -3.91 1.61
N PHE A 22 25.00 -2.81 2.13
CA PHE A 22 23.60 -2.47 1.95
C PHE A 22 23.38 -1.04 2.39
N LEU A 23 22.17 -0.54 2.15
CA LEU A 23 21.77 0.78 2.64
C LEU A 23 20.35 0.72 3.16
N THR A 24 20.16 1.09 4.43
CA THR A 24 18.84 1.10 5.06
C THR A 24 18.42 2.52 5.46
N GLU A 25 17.23 2.93 5.04
CA GLU A 25 16.57 4.15 5.55
C GLU A 25 15.45 3.72 6.50
N VAL A 26 15.45 4.24 7.72
CA VAL A 26 14.36 4.05 8.66
C VAL A 26 13.60 5.36 8.88
N HIS A 27 12.26 5.28 8.93
CA HIS A 27 11.38 6.44 9.14
C HIS A 27 10.46 6.18 10.34
N LEU A 28 10.40 7.14 11.27
CA LEU A 28 9.52 7.09 12.43
C LEU A 28 8.47 8.18 12.29
N ASP A 29 7.19 7.78 12.20
CA ASP A 29 6.07 8.70 11.97
C ASP A 29 6.28 9.63 10.77
N GLY A 30 6.83 9.07 9.69
CA GLY A 30 7.09 9.82 8.46
C GLY A 30 8.40 10.62 8.42
N GLN A 31 9.10 10.71 9.55
CA GLN A 31 10.33 11.52 9.67
C GLN A 31 11.55 10.64 9.51
N PRO A 32 12.51 11.02 8.63
CA PRO A 32 13.73 10.21 8.49
C PRO A 32 14.52 10.12 9.80
N PHE A 33 14.79 8.89 10.23
CA PHE A 33 15.23 8.58 11.59
C PHE A 33 16.65 7.99 11.64
N LEU A 34 16.94 7.01 10.78
CA LEU A 34 18.28 6.40 10.67
C LEU A 34 18.71 6.14 9.24
N ARG A 35 20.01 6.34 8.98
CA ARG A 35 20.68 5.78 7.82
C ARG A 35 21.65 4.74 8.37
N CYS A 36 21.58 3.51 7.83
CA CYS A 36 22.47 2.43 8.25
C CYS A 36 23.10 1.77 7.02
N ASP A 37 24.33 1.28 7.20
CA ASP A 37 25.02 0.48 6.18
C ASP A 37 25.87 -0.59 6.88
N ARG A 38 26.72 -1.28 6.12
CA ARG A 38 27.65 -2.28 6.68
C ARG A 38 28.43 -1.78 7.90
N GLN A 39 28.95 -0.55 7.82
CA GLN A 39 29.82 0.02 8.85
C GLN A 39 29.10 0.34 10.16
N LYS A 40 28.11 1.23 10.11
CA LYS A 40 27.43 1.71 11.31
C LYS A 40 26.06 2.34 11.00
N CYS A 41 25.34 2.71 12.05
CA CYS A 41 24.10 3.48 11.95
C CYS A 41 24.34 4.90 12.47
N ARG A 42 23.72 5.88 11.81
CA ARG A 42 23.83 7.29 12.19
C ARG A 42 22.47 7.98 12.09
N ALA A 43 22.11 8.74 13.12
CA ALA A 43 20.81 9.44 13.18
C ALA A 43 20.75 10.63 12.24
N LYS A 44 19.53 11.16 12.03
CA LYS A 44 19.26 12.23 11.06
C LYS A 44 18.41 13.32 11.69
N ASN A 56 26.92 9.67 23.32
CA ASN A 56 26.63 8.30 23.73
C ASN A 56 25.50 7.69 22.87
N LYS A 57 25.70 7.72 21.55
CA LYS A 57 24.77 7.14 20.57
C LYS A 57 25.19 5.71 20.19
N THR A 58 24.37 4.74 20.59
CA THR A 58 24.61 3.29 20.33
C THR A 58 23.39 2.68 19.63
N TRP A 59 23.63 1.99 18.51
CA TRP A 59 22.57 1.35 17.72
C TRP A 59 22.89 -0.14 17.48
N ASP A 60 23.20 -0.85 18.56
CA ASP A 60 23.66 -2.24 18.47
C ASP A 60 22.58 -3.23 18.00
N ARG A 61 21.34 -3.01 18.42
CA ARG A 61 20.22 -3.84 17.99
C ARG A 61 19.96 -3.69 16.48
N GLU A 62 19.96 -2.45 16.01
CA GLU A 62 19.69 -2.12 14.62
C GLU A 62 20.80 -2.62 13.69
N THR A 63 22.05 -2.43 14.11
CA THR A 63 23.20 -2.92 13.34
C THR A 63 23.17 -4.42 13.14
N ARG A 64 22.82 -5.16 14.19
CA ARG A 64 22.72 -6.61 14.13
C ARG A 64 21.59 -7.04 13.20
N ASP A 65 20.39 -6.52 13.44
CA ASP A 65 19.20 -6.95 12.71
C ASP A 65 19.23 -6.52 11.24
N LEU A 66 19.64 -5.28 10.97
CA LEU A 66 19.69 -4.78 9.60
C LEU A 66 20.81 -5.44 8.78
N THR A 67 21.93 -5.77 9.42
CA THR A 67 23.00 -6.50 8.74
C THR A 67 22.53 -7.88 8.30
N GLY A 68 21.78 -8.56 9.17
CA GLY A 68 21.23 -9.87 8.86
C GLY A 68 20.23 -9.83 7.71
N TRP A 69 19.38 -8.82 7.72
CA TRP A 69 18.44 -8.57 6.63
C TRP A 69 19.20 -8.25 5.33
N GLY A 70 20.23 -7.42 5.43
CA GLY A 70 21.09 -7.09 4.29
C GLY A 70 21.67 -8.32 3.62
N LYS A 71 22.16 -9.24 4.45
CA LYS A 71 22.69 -10.52 3.99
C LYS A 71 21.63 -11.33 3.25
N ASP A 72 20.42 -11.37 3.81
CA ASP A 72 19.29 -12.09 3.19
C ASP A 72 18.91 -11.50 1.85
N LEU A 73 18.80 -10.18 1.78
CA LEU A 73 18.37 -9.51 0.56
C LEU A 73 19.43 -9.59 -0.54
N ARG A 74 20.71 -9.60 -0.16
CA ARG A 74 21.78 -9.79 -1.14
C ARG A 74 21.71 -11.17 -1.81
N MET A 75 21.45 -12.21 -1.01
CA MET A 75 21.24 -13.55 -1.55
C MET A 75 19.95 -13.63 -2.40
N THR A 76 18.92 -12.89 -2.00
CA THR A 76 17.68 -12.79 -2.78
C THR A 76 17.91 -12.20 -4.17
N LEU A 77 18.70 -11.12 -4.23
CA LEU A 77 19.04 -10.49 -5.52
C LEU A 77 19.90 -11.39 -6.40
N ALA A 78 20.84 -12.12 -5.80
CA ALA A 78 21.69 -13.06 -6.53
C ALA A 78 20.89 -14.18 -7.19
N HIS A 79 19.76 -14.55 -6.57
CA HIS A 79 18.91 -15.65 -7.04
CA HIS A 79 18.92 -15.63 -7.06
C HIS A 79 17.94 -15.21 -8.16
N ILE A 80 17.82 -13.91 -8.40
CA ILE A 80 17.03 -13.39 -9.52
C ILE A 80 17.70 -13.72 -10.88
N LYS A 81 17.00 -14.53 -11.66
CA LYS A 81 17.43 -14.94 -12.99
C LYS A 81 16.94 -13.86 -13.93
N ASP A 82 17.63 -12.72 -13.91
CA ASP A 82 17.35 -11.61 -14.85
C ASP A 82 18.53 -11.46 -15.83
N GLN A 83 19.36 -10.44 -15.66
CA GLN A 83 20.48 -10.20 -16.56
C GLN A 83 21.64 -9.63 -15.77
N LYS A 84 22.85 -9.83 -16.32
CA LYS A 84 24.09 -9.31 -15.75
C LYS A 84 24.62 -8.15 -16.61
N GLU A 85 23.74 -7.20 -16.97
CA GLU A 85 24.14 -6.02 -17.75
C GLU A 85 23.79 -4.74 -16.99
N GLY A 86 24.81 -4.11 -16.42
CA GLY A 86 24.67 -2.80 -15.77
C GLY A 86 24.24 -2.89 -14.32
N LEU A 87 23.65 -1.81 -13.84
CA LEU A 87 23.21 -1.67 -12.46
C LEU A 87 21.78 -2.18 -12.32
N HIS A 88 21.55 -2.97 -11.28
CA HIS A 88 20.20 -3.36 -10.85
C HIS A 88 20.10 -3.20 -9.33
N SER A 89 18.89 -2.92 -8.85
CA SER A 89 18.66 -2.73 -7.42
C SER A 89 17.47 -3.55 -6.96
N LEU A 90 17.61 -4.24 -5.82
CA LEU A 90 16.50 -4.87 -5.11
C LEU A 90 16.32 -4.14 -3.81
N GLN A 91 15.08 -3.75 -3.54
CA GLN A 91 14.76 -2.85 -2.44
C GLN A 91 13.55 -3.41 -1.71
N GLU A 92 13.68 -3.64 -0.39
CA GLU A 92 12.60 -4.17 0.43
C GLU A 92 12.14 -3.13 1.45
N ILE A 93 10.82 -2.89 1.47
CA ILE A 93 10.18 -1.98 2.42
C ILE A 93 9.38 -2.80 3.43
N ARG A 94 9.55 -2.50 4.71
CA ARG A 94 8.76 -3.11 5.78
C ARG A 94 8.12 -2.01 6.61
N VAL A 95 6.80 -2.11 6.77
CA VAL A 95 6.00 -1.06 7.41
C VAL A 95 5.11 -1.67 8.47
N CYS A 96 4.99 -0.98 9.59
CA CYS A 96 3.94 -1.28 10.57
C CYS A 96 3.35 0.01 11.11
N GLU A 97 2.05 -0.02 11.37
CA GLU A 97 1.29 1.13 11.85
C GLU A 97 0.50 0.77 13.09
N ILE A 98 0.43 1.71 14.03
CA ILE A 98 -0.49 1.62 15.15
C ILE A 98 -1.49 2.76 14.95
N HIS A 99 -2.75 2.40 14.71
CA HIS A 99 -3.81 3.38 14.47
C HIS A 99 -4.35 3.93 15.78
N GLU A 100 -5.05 5.05 15.68
CA GLU A 100 -5.65 5.73 16.84
C GLU A 100 -6.51 4.79 17.70
N ASP A 101 -7.27 3.91 17.04
CA ASP A 101 -8.12 2.92 17.73
C ASP A 101 -7.42 1.61 18.15
N ASN A 102 -6.08 1.65 18.29
CA ASN A 102 -5.26 0.51 18.73
C ASN A 102 -5.17 -0.68 17.74
N SER A 103 -5.71 -0.54 16.53
CA SER A 103 -5.60 -1.59 15.51
C SER A 103 -4.29 -1.41 14.75
N THR A 104 -3.91 -2.42 13.97
CA THR A 104 -2.61 -2.41 13.29
C THR A 104 -2.74 -2.71 11.81
N ARG A 105 -1.80 -2.16 11.05
CA ARG A 105 -1.55 -2.57 9.67
C ARG A 105 -0.05 -2.87 9.58
N SER A 106 0.31 -3.75 8.66
CA SER A 106 1.70 -4.12 8.46
C SER A 106 1.89 -4.78 7.11
N SER A 107 3.00 -4.48 6.45
CA SER A 107 3.22 -4.98 5.09
C SER A 107 4.69 -5.05 4.74
N GLN A 108 4.93 -5.74 3.63
CA GLN A 108 6.26 -5.99 3.10
C GLN A 108 6.17 -5.73 1.61
N HIS A 109 7.14 -5.01 1.03
CA HIS A 109 7.08 -4.63 -0.39
C HIS A 109 8.44 -4.70 -1.05
N PHE A 110 8.51 -5.29 -2.24
CA PHE A 110 9.77 -5.43 -3.00
C PHE A 110 9.73 -4.56 -4.26
N TYR A 111 10.82 -3.84 -4.50
CA TYR A 111 10.99 -3.02 -5.70
C TYR A 111 12.21 -3.49 -6.47
N TYR A 112 12.07 -3.66 -7.78
CA TYR A 112 13.18 -3.99 -8.66
C TYR A 112 13.37 -2.85 -9.63
N ASP A 113 14.56 -2.24 -9.61
CA ASP A 113 14.87 -1.05 -10.41
C ASP A 113 13.78 0.03 -10.29
N GLY A 114 13.36 0.31 -9.06
CA GLY A 114 12.37 1.34 -8.77
C GLY A 114 10.90 0.99 -8.96
N GLU A 115 10.60 -0.20 -9.49
CA GLU A 115 9.23 -0.63 -9.76
C GLU A 115 8.77 -1.64 -8.72
N LEU A 116 7.65 -1.35 -8.06
CA LEU A 116 7.01 -2.32 -7.16
C LEU A 116 6.57 -3.56 -7.95
N PHE A 117 7.04 -4.73 -7.52
CA PHE A 117 6.65 -6.02 -8.16
C PHE A 117 6.09 -7.11 -7.24
N LEU A 118 6.07 -6.88 -5.93
CA LEU A 118 5.60 -7.88 -4.97
C LEU A 118 5.32 -7.26 -3.62
N SER A 119 4.20 -7.63 -3.01
CA SER A 119 3.82 -7.17 -1.68
C SER A 119 3.21 -8.31 -0.88
N GLN A 120 3.41 -8.28 0.44
CA GLN A 120 2.67 -9.14 1.36
C GLN A 120 2.06 -8.27 2.46
N ASN A 121 0.78 -8.50 2.74
CA ASN A 121 0.12 -7.94 3.91
C ASN A 121 0.45 -8.87 5.08
N LEU A 122 1.15 -8.34 6.07
CA LEU A 122 1.60 -9.14 7.22
C LEU A 122 0.52 -9.36 8.28
N GLU A 123 -0.61 -8.65 8.15
CA GLU A 123 -1.77 -8.93 9.01
C GLU A 123 -2.47 -10.22 8.53
N THR A 124 -2.61 -10.37 7.22
CA THR A 124 -3.36 -11.49 6.61
C THR A 124 -2.51 -12.57 5.91
N LEU A 125 -1.21 -12.30 5.73
CA LEU A 125 -0.30 -13.20 4.97
C LEU A 125 -0.75 -13.50 3.53
N GLU A 126 -1.38 -12.54 2.88
CA GLU A 126 -1.72 -12.68 1.46
C GLU A 126 -0.80 -11.81 0.61
N TRP A 127 -0.35 -12.38 -0.49
CA TRP A 127 0.56 -11.70 -1.41
C TRP A 127 -0.20 -11.10 -2.55
N THR A 128 0.28 -9.96 -3.04
CA THR A 128 -0.24 -9.31 -4.23
C THR A 128 0.80 -9.40 -5.35
N MET A 129 0.42 -10.05 -6.45
CA MET A 129 1.28 -10.21 -7.62
C MET A 129 1.06 -9.06 -8.60
N PRO A 130 2.09 -8.71 -9.40
CA PRO A 130 2.00 -7.57 -10.32
C PRO A 130 1.27 -7.90 -11.63
N GLN A 131 1.10 -6.90 -12.48
CA GLN A 131 0.34 -7.04 -13.73
C GLN A 131 1.16 -7.64 -14.87
N SER A 132 2.32 -7.05 -15.14
CA SER A 132 3.14 -7.47 -16.29
C SER A 132 3.77 -8.84 -16.05
N SER A 133 3.95 -9.59 -17.13
CA SER A 133 4.57 -10.92 -17.08
C SER A 133 6.04 -10.86 -16.65
N ARG A 134 6.72 -9.77 -17.04
CA ARG A 134 8.10 -9.53 -16.62
C ARG A 134 8.22 -9.39 -15.10
N ALA A 135 7.30 -8.61 -14.52
CA ALA A 135 7.23 -8.45 -13.06
C ALA A 135 6.78 -9.73 -12.37
N GLN A 136 5.85 -10.46 -13.00
CA GLN A 136 5.38 -11.76 -12.46
C GLN A 136 6.51 -12.79 -12.37
N THR A 137 7.40 -12.80 -13.36
CA THR A 137 8.58 -13.65 -13.33
C THR A 137 9.48 -13.33 -12.13
N LEU A 138 9.73 -12.03 -11.90
CA LEU A 138 10.47 -11.57 -10.72
C LEU A 138 9.80 -11.95 -9.39
N ALA A 139 8.48 -11.79 -9.32
CA ALA A 139 7.74 -12.12 -8.11
C ALA A 139 7.84 -13.61 -7.76
N MET A 140 7.66 -14.46 -8.77
CA MET A 140 7.75 -15.91 -8.59
C MET A 140 9.14 -16.38 -8.23
N ASN A 141 10.15 -15.77 -8.82
CA ASN A 141 11.53 -16.01 -8.45
C ASN A 141 11.75 -15.74 -6.95
N VAL A 142 11.36 -14.55 -6.51
CA VAL A 142 11.57 -14.12 -5.11
C VAL A 142 10.76 -14.99 -4.15
N ARG A 143 9.49 -15.22 -4.46
CA ARG A 143 8.65 -16.08 -3.63
C ARG A 143 9.16 -17.52 -3.50
N ASN A 144 9.73 -18.05 -4.57
CA ASN A 144 10.40 -19.35 -4.53
C ASN A 144 11.63 -19.32 -3.64
N PHE A 145 12.45 -18.27 -3.77
CA PHE A 145 13.63 -18.11 -2.92
C PHE A 145 13.25 -18.07 -1.45
N LEU A 146 12.24 -17.27 -1.12
CA LEU A 146 11.80 -17.10 0.26
C LEU A 146 11.24 -18.40 0.86
N LYS A 147 10.45 -19.12 0.06
CA LYS A 147 9.82 -20.36 0.52
C LYS A 147 10.81 -21.53 0.57
N GLU A 148 11.62 -21.70 -0.47
CA GLU A 148 12.50 -22.86 -0.59
C GLU A 148 13.88 -22.65 0.01
N ASP A 149 14.58 -21.61 -0.43
CA ASP A 149 15.98 -21.38 -0.01
C ASP A 149 16.08 -20.80 1.40
N ALA A 150 15.33 -19.72 1.66
CA ALA A 150 15.27 -19.10 3.00
C ALA A 150 14.41 -19.87 4.01
N MET A 151 13.56 -20.78 3.51
CA MET A 151 12.71 -21.63 4.35
C MET A 151 11.75 -20.84 5.25
N GLU A 152 11.26 -19.71 4.72
CA GLU A 152 10.36 -18.84 5.49
C GLU A 152 8.94 -19.42 5.54
N THR A 153 8.33 -19.34 6.72
CA THR A 153 7.03 -19.93 7.01
C THR A 153 6.08 -18.86 7.52
N ASP A 154 4.82 -19.22 7.78
CA ASP A 154 3.84 -18.31 8.38
C ASP A 154 4.38 -17.65 9.66
N THR A 155 5.00 -18.45 10.52
CA THR A 155 5.54 -17.96 11.79
C THR A 155 6.58 -16.86 11.60
N HIS A 156 7.45 -17.02 10.60
CA HIS A 156 8.44 -15.99 10.25
C HIS A 156 7.80 -14.63 9.96
N TYR A 157 6.69 -14.64 9.22
CA TYR A 157 6.01 -13.40 8.84
C TYR A 157 5.15 -12.83 9.98
N HIS A 158 4.58 -13.68 10.81
CA HIS A 158 3.95 -13.24 12.07
C HIS A 158 4.98 -12.56 12.95
N ALA A 159 6.14 -13.20 13.09
CA ALA A 159 7.27 -12.67 13.85
C ALA A 159 7.83 -11.35 13.30
N MET A 160 7.79 -11.19 11.97
CA MET A 160 8.20 -9.95 11.32
C MET A 160 7.27 -8.78 11.71
N ARG A 161 5.97 -9.03 11.70
CA ARG A 161 4.97 -8.06 12.18
C ARG A 161 5.26 -7.65 13.62
N ALA A 162 5.42 -8.64 14.49
CA ALA A 162 5.58 -8.41 15.93
C ALA A 162 6.85 -7.63 16.24
N ASP A 163 7.96 -8.02 15.61
CA ASP A 163 9.23 -7.33 15.77
C ASP A 163 9.13 -5.85 15.42
N CYS A 164 8.49 -5.55 14.29
CA CYS A 164 8.30 -4.17 13.82
C CYS A 164 7.48 -3.37 14.82
N LEU A 165 6.37 -3.92 15.26
CA LEU A 165 5.51 -3.28 16.25
C LEU A 165 6.23 -3.05 17.57
N SER A 166 7.00 -4.05 18.02
CA SER A 166 7.73 -3.95 19.28
C SER A 166 8.81 -2.87 19.20
N GLU A 167 9.48 -2.77 18.06
CA GLU A 167 10.46 -1.70 17.81
C GLU A 167 9.79 -0.32 17.79
N LEU A 168 8.66 -0.20 17.11
CA LEU A 168 7.90 1.05 17.09
C LEU A 168 7.54 1.48 18.52
N ARG A 169 7.04 0.53 19.31
CA ARG A 169 6.72 0.80 20.73
C ARG A 169 7.96 1.19 21.55
N ARG A 170 9.09 0.54 21.29
CA ARG A 170 10.34 0.88 21.97
C ARG A 170 10.78 2.32 21.68
N TYR A 171 10.78 2.71 20.40
CA TYR A 171 11.19 4.07 20.01
C TYR A 171 10.27 5.16 20.59
N LEU A 172 8.97 4.90 20.56
CA LEU A 172 7.99 5.81 21.17
C LEU A 172 8.15 5.92 22.69
N LYS A 173 8.49 4.81 23.35
CA LYS A 173 8.68 4.79 24.81
C LYS A 173 9.81 5.72 25.26
N SER A 174 10.89 5.78 24.49
CA SER A 174 12.00 6.71 24.76
C SER A 174 11.73 8.10 24.19
N GLY A 175 11.84 8.25 22.86
CA GLY A 175 11.66 9.56 22.21
C GLY A 175 12.31 9.59 20.83
N GLU B 1 -9.84 -7.55 -26.19
CA GLU B 1 -9.72 -7.82 -24.71
C GLU B 1 -9.32 -6.63 -23.79
N PRO B 2 -9.84 -5.40 -24.05
CA PRO B 2 -9.61 -4.37 -23.01
C PRO B 2 -10.58 -4.52 -21.84
N HIS B 3 -10.07 -4.43 -20.61
CA HIS B 3 -10.86 -4.66 -19.38
C HIS B 3 -10.64 -3.54 -18.37
N SER B 4 -11.62 -3.34 -17.48
CA SER B 4 -11.56 -2.32 -16.43
C SER B 4 -12.32 -2.75 -15.17
N LEU B 5 -11.81 -2.31 -14.02
CA LEU B 5 -12.48 -2.51 -12.74
C LEU B 5 -12.66 -1.13 -12.10
N ARG B 6 -13.86 -0.87 -11.61
CA ARG B 6 -14.20 0.44 -11.04
C ARG B 6 -14.91 0.26 -9.71
N TYR B 7 -14.31 0.76 -8.63
CA TYR B 7 -14.94 0.80 -7.32
C TYR B 7 -15.45 2.21 -7.03
N ASN B 8 -16.62 2.29 -6.40
CA ASN B 8 -17.22 3.56 -5.99
C ASN B 8 -17.76 3.38 -4.58
N LEU B 9 -17.05 3.93 -3.59
CA LEU B 9 -17.42 3.82 -2.18
C LEU B 9 -17.88 5.16 -1.63
N THR B 10 -19.04 5.16 -0.98
CA THR B 10 -19.64 6.37 -0.42
C THR B 10 -19.88 6.24 1.09
N VAL B 11 -19.55 7.30 1.82
CA VAL B 11 -19.86 7.42 3.24
C VAL B 11 -20.61 8.72 3.49
N LEU B 12 -21.48 8.70 4.48
CA LEU B 12 -22.40 9.79 4.75
C LEU B 12 -22.25 10.32 6.17
N SER B 13 -22.53 11.62 6.35
CA SER B 13 -22.62 12.22 7.68
C SER B 13 -23.92 13.00 7.81
N TRP B 14 -24.49 12.98 9.02
CA TRP B 14 -25.71 13.70 9.36
C TRP B 14 -25.43 14.57 10.57
N ASP B 15 -25.65 15.88 10.45
CA ASP B 15 -25.30 16.86 11.51
C ASP B 15 -23.89 16.67 12.06
N GLY B 16 -22.93 16.42 11.17
CA GLY B 16 -21.53 16.18 11.55
C GLY B 16 -21.19 14.78 12.04
N SER B 17 -22.20 13.95 12.28
CA SER B 17 -22.01 12.60 12.79
C SER B 17 -21.89 11.62 11.61
N VAL B 18 -20.75 10.95 11.48
CA VAL B 18 -20.49 10.08 10.34
C VAL B 18 -21.16 8.74 10.58
N GLN B 19 -21.80 8.18 9.54
CA GLN B 19 -22.49 6.90 9.65
C GLN B 19 -21.55 5.74 10.00
N SER B 20 -22.13 4.66 10.52
CA SER B 20 -21.35 3.48 10.87
C SER B 20 -20.92 2.65 9.67
N GLY B 21 -21.73 2.61 8.62
CA GLY B 21 -21.48 1.79 7.46
C GLY B 21 -20.98 2.55 6.25
N PHE B 22 -21.32 2.02 5.07
CA PHE B 22 -20.85 2.55 3.80
C PHE B 22 -21.64 1.91 2.68
N LEU B 23 -21.44 2.38 1.45
CA LEU B 23 -22.05 1.80 0.26
C LEU B 23 -21.02 1.78 -0.86
N THR B 24 -20.75 0.57 -1.39
CA THR B 24 -19.80 0.41 -2.49
C THR B 24 -20.48 -0.16 -3.73
N GLU B 25 -20.31 0.53 -4.87
CA GLU B 25 -20.73 0.03 -6.19
C GLU B 25 -19.49 -0.38 -6.96
N VAL B 26 -19.45 -1.63 -7.42
CA VAL B 26 -18.34 -2.13 -8.24
C VAL B 26 -18.83 -2.40 -9.67
N HIS B 27 -18.01 -2.02 -10.66
CA HIS B 27 -18.28 -2.25 -12.08
C HIS B 27 -17.13 -3.02 -12.73
N LEU B 28 -17.48 -4.09 -13.46
CA LEU B 28 -16.51 -4.92 -14.18
C LEU B 28 -16.76 -4.75 -15.67
N ASP B 29 -15.78 -4.21 -16.40
CA ASP B 29 -15.90 -3.90 -17.84
C ASP B 29 -17.16 -3.06 -18.17
N GLY B 30 -17.45 -2.08 -17.32
CA GLY B 30 -18.61 -1.21 -17.49
C GLY B 30 -19.95 -1.73 -16.98
N GLN B 31 -20.00 -3.02 -16.60
CA GLN B 31 -21.24 -3.66 -16.16
C GLN B 31 -21.34 -3.65 -14.64
N PRO B 32 -22.50 -3.22 -14.07
CA PRO B 32 -22.64 -3.26 -12.61
C PRO B 32 -22.52 -4.68 -12.04
N PHE B 33 -21.60 -4.85 -11.09
CA PHE B 33 -21.10 -6.16 -10.67
C PHE B 33 -21.45 -6.48 -9.21
N LEU B 34 -21.20 -5.55 -8.29
CA LEU B 34 -21.51 -5.73 -6.87
C LEU B 34 -22.08 -4.46 -6.22
N ARG B 35 -23.03 -4.64 -5.31
CA ARG B 35 -23.41 -3.65 -4.31
C ARG B 35 -22.98 -4.25 -2.97
N CYS B 36 -22.21 -3.49 -2.20
CA CYS B 36 -21.75 -3.92 -0.87
C CYS B 36 -22.04 -2.85 0.16
N ASP B 37 -22.32 -3.28 1.39
CA ASP B 37 -22.46 -2.38 2.54
C ASP B 37 -21.90 -3.08 3.79
N ARG B 38 -22.13 -2.49 4.97
CA ARG B 38 -21.73 -3.09 6.25
C ARG B 38 -22.15 -4.56 6.39
N GLN B 39 -23.40 -4.88 6.01
CA GLN B 39 -24.00 -6.19 6.21
C GLN B 39 -23.38 -7.28 5.31
N LYS B 40 -23.49 -7.10 4.00
CA LYS B 40 -23.05 -8.11 3.04
C LYS B 40 -22.83 -7.52 1.65
N CYS B 41 -22.33 -8.37 0.74
CA CYS B 41 -22.24 -8.05 -0.69
C CYS B 41 -23.26 -8.89 -1.45
N ARG B 42 -23.86 -8.30 -2.49
CA ARG B 42 -24.83 -8.97 -3.35
C ARG B 42 -24.58 -8.61 -4.81
N ALA B 43 -24.60 -9.62 -5.70
CA ALA B 43 -24.37 -9.42 -7.13
C ALA B 43 -25.56 -8.74 -7.83
N LYS B 44 -25.33 -8.29 -9.06
CA LYS B 44 -26.32 -7.49 -9.80
C LYS B 44 -26.54 -8.02 -11.24
N PRO B 45 -27.71 -7.71 -11.84
CA PRO B 45 -27.94 -8.04 -13.26
C PRO B 45 -26.95 -7.34 -14.24
N GLN B 46 -26.35 -8.14 -15.13
CA GLN B 46 -25.30 -7.68 -16.05
C GLN B 46 -25.28 -8.50 -17.34
N GLY B 47 -26.45 -8.62 -17.98
CA GLY B 47 -26.62 -9.37 -19.22
C GLY B 47 -27.09 -10.79 -18.97
N THR B 58 -20.43 -16.46 -1.84
CA THR B 58 -19.58 -15.91 -0.81
C THR B 58 -18.69 -14.78 -1.37
N TRP B 59 -18.69 -13.63 -0.68
CA TRP B 59 -17.86 -12.47 -1.03
C TRP B 59 -17.05 -12.02 0.19
N ASP B 60 -16.33 -12.97 0.79
CA ASP B 60 -15.62 -12.73 2.05
C ASP B 60 -14.42 -11.82 1.91
N ARG B 61 -13.71 -11.91 0.78
CA ARG B 61 -12.57 -11.03 0.50
C ARG B 61 -13.03 -9.57 0.34
N GLU B 62 -14.10 -9.38 -0.42
CA GLU B 62 -14.64 -8.05 -0.72
C GLU B 62 -15.22 -7.39 0.52
N THR B 63 -15.96 -8.16 1.32
CA THR B 63 -16.53 -7.65 2.57
C THR B 63 -15.44 -7.14 3.54
N ARG B 64 -14.36 -7.91 3.66
CA ARG B 64 -13.24 -7.52 4.51
C ARG B 64 -12.56 -6.26 4.00
N ASP B 65 -12.17 -6.27 2.73
CA ASP B 65 -11.38 -5.17 2.14
C ASP B 65 -12.19 -3.89 2.00
N LEU B 66 -13.44 -3.99 1.56
CA LEU B 66 -14.30 -2.81 1.42
C LEU B 66 -14.73 -2.22 2.77
N THR B 67 -14.90 -3.05 3.79
CA THR B 67 -15.16 -2.56 5.15
C THR B 67 -13.99 -1.73 5.66
N GLY B 68 -12.77 -2.21 5.43
CA GLY B 68 -11.56 -1.48 5.81
C GLY B 68 -11.39 -0.15 5.12
N TRP B 69 -11.70 -0.12 3.82
CA TRP B 69 -11.72 1.11 3.04
C TRP B 69 -12.83 2.05 3.57
N GLY B 70 -14.01 1.48 3.83
CA GLY B 70 -15.10 2.23 4.44
C GLY B 70 -14.70 2.92 5.73
N LYS B 71 -14.00 2.20 6.60
CA LYS B 71 -13.47 2.74 7.85
C LYS B 71 -12.52 3.91 7.60
N ASP B 72 -11.63 3.77 6.61
CA ASP B 72 -10.69 4.83 6.23
C ASP B 72 -11.41 6.09 5.74
N LEU B 73 -12.38 5.90 4.85
CA LEU B 73 -13.11 7.03 4.27
C LEU B 73 -14.03 7.71 5.28
N ARG B 74 -14.57 6.96 6.23
CA ARG B 74 -15.37 7.53 7.32
C ARG B 74 -14.54 8.46 8.20
N MET B 75 -13.31 8.05 8.52
CA MET B 75 -12.39 8.92 9.26
C MET B 75 -11.96 10.12 8.43
N THR B 76 -11.83 9.94 7.11
CA THR B 76 -11.52 11.05 6.20
C THR B 76 -12.62 12.11 6.19
N LEU B 77 -13.88 11.66 6.15
CA LEU B 77 -15.04 12.58 6.21
C LEU B 77 -15.15 13.30 7.55
N ALA B 78 -14.87 12.61 8.65
CA ALA B 78 -14.89 13.22 9.98
C ALA B 78 -13.86 14.35 10.12
N HIS B 79 -12.74 14.24 9.40
CA HIS B 79 -11.64 15.19 9.46
C HIS B 79 -11.87 16.43 8.58
N ILE B 80 -12.89 16.40 7.72
CA ILE B 80 -13.30 17.58 6.96
C ILE B 80 -13.99 18.56 7.88
N LYS B 81 -15.11 18.14 8.50
CA LYS B 81 -15.75 18.86 9.61
C LYS B 81 -15.99 20.38 9.48
N ASP B 82 -16.07 20.90 8.25
CA ASP B 82 -16.06 22.32 7.99
C ASP B 82 -17.33 22.64 7.21
N GLN B 83 -18.41 21.88 7.44
CA GLN B 83 -19.61 21.95 6.63
C GLN B 83 -20.82 22.30 7.49
N LYS B 84 -21.84 22.83 6.83
CA LYS B 84 -23.10 23.18 7.48
C LYS B 84 -23.84 21.93 7.96
N GLU B 85 -25.03 22.11 8.54
CA GLU B 85 -25.83 20.99 9.04
C GLU B 85 -26.36 20.07 7.90
N GLY B 86 -27.10 19.05 8.28
CA GLY B 86 -27.78 18.20 7.31
C GLY B 86 -26.93 17.03 6.83
N LEU B 87 -27.28 16.53 5.65
CA LEU B 87 -26.61 15.39 5.04
C LEU B 87 -25.44 15.86 4.19
N HIS B 88 -24.30 15.17 4.33
CA HIS B 88 -23.14 15.35 3.44
C HIS B 88 -22.59 13.99 3.05
N SER B 89 -21.96 13.91 1.88
CA SER B 89 -21.40 12.65 1.38
C SER B 89 -19.96 12.84 0.91
N LEU B 90 -19.10 11.91 1.30
CA LEU B 90 -17.75 11.78 0.73
C LEU B 90 -17.70 10.48 -0.05
N GLN B 91 -17.22 10.56 -1.27
CA GLN B 91 -17.30 9.46 -2.22
C GLN B 91 -15.95 9.30 -2.91
N GLU B 92 -15.38 8.09 -2.84
CA GLU B 92 -14.09 7.79 -3.46
C GLU B 92 -14.26 6.79 -4.60
N ILE B 93 -13.72 7.13 -5.77
CA ILE B 93 -13.72 6.26 -6.95
C ILE B 93 -12.30 5.75 -7.17
N ARG B 94 -12.17 4.43 -7.37
CA ARG B 94 -10.90 3.82 -7.74
C ARG B 94 -11.09 3.03 -9.01
N VAL B 95 -10.23 3.29 -10.00
CA VAL B 95 -10.34 2.70 -11.33
C VAL B 95 -8.99 2.10 -11.73
N CYS B 96 -9.03 0.93 -12.35
CA CYS B 96 -7.86 0.41 -13.05
C CYS B 96 -8.29 -0.24 -14.37
N GLU B 97 -7.45 -0.08 -15.39
CA GLU B 97 -7.73 -0.57 -16.74
C GLU B 97 -6.56 -1.39 -17.26
N ILE B 98 -6.86 -2.45 -18.00
CA ILE B 98 -5.86 -3.18 -18.77
C ILE B 98 -6.23 -2.96 -20.23
N HIS B 99 -5.37 -2.26 -20.96
CA HIS B 99 -5.61 -1.96 -22.37
C HIS B 99 -5.19 -3.12 -23.26
N GLU B 100 -5.69 -3.09 -24.49
CA GLU B 100 -5.41 -4.14 -25.49
C GLU B 100 -3.91 -4.39 -25.67
N ASP B 101 -3.12 -3.31 -25.66
CA ASP B 101 -1.65 -3.40 -25.78
C ASP B 101 -0.89 -3.70 -24.47
N ASN B 102 -1.58 -4.27 -23.48
CA ASN B 102 -1.00 -4.67 -22.18
C ASN B 102 -0.54 -3.51 -21.26
N SER B 103 -0.83 -2.27 -21.63
CA SER B 103 -0.52 -1.12 -20.77
C SER B 103 -1.67 -0.92 -19.79
N THR B 104 -1.43 -0.10 -18.78
CA THR B 104 -2.41 0.14 -17.73
C THR B 104 -2.69 1.61 -17.51
N ARG B 105 -3.90 1.89 -17.04
CA ARG B 105 -4.24 3.19 -16.46
C ARG B 105 -4.88 2.92 -15.11
N SER B 106 -4.76 3.87 -14.20
CA SER B 106 -5.31 3.73 -12.86
C SER B 106 -5.41 5.07 -12.18
N SER B 107 -6.49 5.27 -11.42
CA SER B 107 -6.72 6.56 -10.80
C SER B 107 -7.60 6.47 -9.56
N GLN B 108 -7.62 7.58 -8.83
CA GLN B 108 -8.33 7.72 -7.57
C GLN B 108 -9.02 9.08 -7.64
N HIS B 109 -10.29 9.15 -7.26
CA HIS B 109 -11.07 10.41 -7.37
C HIS B 109 -11.98 10.61 -6.17
N PHE B 110 -12.00 11.82 -5.61
CA PHE B 110 -12.85 12.13 -4.45
C PHE B 110 -13.93 13.13 -4.82
N TYR B 111 -15.17 12.86 -4.38
CA TYR B 111 -16.32 13.73 -4.60
C TYR B 111 -16.90 14.14 -3.25
N TYR B 112 -17.18 15.42 -3.07
CA TYR B 112 -17.88 15.91 -1.88
C TYR B 112 -19.22 16.50 -2.32
N ASP B 113 -20.32 15.94 -1.80
CA ASP B 113 -21.68 16.31 -2.21
C ASP B 113 -21.84 16.34 -3.75
N GLY B 114 -21.34 15.28 -4.39
CA GLY B 114 -21.45 15.11 -5.84
C GLY B 114 -20.46 15.87 -6.71
N GLU B 115 -19.61 16.72 -6.13
CA GLU B 115 -18.66 17.54 -6.87
C GLU B 115 -17.25 16.96 -6.75
N LEU B 116 -16.61 16.66 -7.88
CA LEU B 116 -15.22 16.25 -7.92
C LEU B 116 -14.33 17.35 -7.39
N PHE B 117 -13.53 17.06 -6.37
CA PHE B 117 -12.56 18.04 -5.83
C PHE B 117 -11.10 17.59 -5.73
N LEU B 118 -10.79 16.34 -6.07
CA LEU B 118 -9.42 15.83 -5.96
C LEU B 118 -9.27 14.52 -6.71
N SER B 119 -8.15 14.38 -7.43
CA SER B 119 -7.83 13.15 -8.17
C SER B 119 -6.36 12.84 -8.05
N GLN B 120 -6.01 11.56 -8.09
CA GLN B 120 -4.63 11.11 -8.22
C GLN B 120 -4.56 10.10 -9.37
N ASN B 121 -3.57 10.29 -10.24
CA ASN B 121 -3.21 9.28 -11.23
C ASN B 121 -2.28 8.31 -10.52
N LEU B 122 -2.71 7.04 -10.42
CA LEU B 122 -1.94 6.02 -9.70
C LEU B 122 -0.80 5.42 -10.51
N GLU B 123 -0.75 5.72 -11.81
CA GLU B 123 0.42 5.36 -12.63
C GLU B 123 1.59 6.29 -12.34
N THR B 124 1.31 7.59 -12.20
CA THR B 124 2.34 8.62 -12.03
C THR B 124 2.44 9.24 -10.62
N LEU B 125 1.46 8.96 -9.75
CA LEU B 125 1.36 9.57 -8.41
C LEU B 125 1.33 11.11 -8.40
N GLU B 126 0.71 11.70 -9.41
CA GLU B 126 0.50 13.16 -9.44
C GLU B 126 -0.97 13.45 -9.17
N TRP B 127 -1.19 14.45 -8.32
CA TRP B 127 -2.52 14.86 -7.93
C TRP B 127 -2.96 16.04 -8.78
N THR B 128 -4.26 16.10 -9.06
CA THR B 128 -4.89 17.24 -9.71
C THR B 128 -5.76 17.95 -8.68
N MET B 129 -5.44 19.22 -8.42
CA MET B 129 -6.18 20.07 -7.50
C MET B 129 -7.23 20.85 -8.30
N PRO B 130 -8.36 21.19 -7.66
CA PRO B 130 -9.46 21.85 -8.36
C PRO B 130 -9.24 23.36 -8.54
N GLN B 131 -10.16 24.01 -9.24
CA GLN B 131 -10.05 25.44 -9.57
C GLN B 131 -10.54 26.34 -8.43
N SER B 132 -11.75 26.08 -7.95
CA SER B 132 -12.37 26.91 -6.92
C SER B 132 -11.66 26.78 -5.57
N SER B 133 -11.64 27.87 -4.82
CA SER B 133 -11.01 27.91 -3.49
C SER B 133 -11.74 27.03 -2.48
N ARG B 134 -13.06 26.91 -2.64
CA ARG B 134 -13.88 26.03 -1.80
C ARG B 134 -13.44 24.56 -1.96
N ALA B 135 -13.26 24.15 -3.22
CA ALA B 135 -12.80 22.81 -3.53
C ALA B 135 -11.34 22.61 -3.12
N GLN B 136 -10.52 23.65 -3.29
CA GLN B 136 -9.11 23.60 -2.87
C GLN B 136 -8.95 23.39 -1.36
N THR B 137 -9.82 24.01 -0.58
CA THR B 137 -9.85 23.81 0.88
C THR B 137 -10.13 22.36 1.22
N LEU B 138 -11.13 21.77 0.56
CA LEU B 138 -11.44 20.34 0.72
C LEU B 138 -10.28 19.43 0.32
N ALA B 139 -9.64 19.72 -0.80
CA ALA B 139 -8.51 18.93 -1.30
C ALA B 139 -7.35 18.93 -0.31
N MET B 140 -7.00 20.11 0.19
CA MET B 140 -5.91 20.26 1.16
C MET B 140 -6.19 19.59 2.49
N ASN B 141 -7.44 19.68 2.94
CA ASN B 141 -7.87 18.95 4.13
C ASN B 141 -7.62 17.45 3.97
N VAL B 142 -8.12 16.89 2.87
CA VAL B 142 -8.04 15.46 2.60
C VAL B 142 -6.59 15.01 2.40
N ARG B 143 -5.83 15.76 1.61
CA ARG B 143 -4.42 15.45 1.40
C ARG B 143 -3.58 15.49 2.67
N ASN B 144 -3.89 16.42 3.56
CA ASN B 144 -3.26 16.46 4.89
C ASN B 144 -3.63 15.23 5.72
N PHE B 145 -4.91 14.87 5.71
CA PHE B 145 -5.36 13.69 6.42
C PHE B 145 -4.64 12.44 5.93
N LEU B 146 -4.57 12.27 4.61
CA LEU B 146 -3.95 11.09 4.01
C LEU B 146 -2.47 11.01 4.32
N LYS B 147 -1.77 12.15 4.26
CA LYS B 147 -0.33 12.18 4.51
C LYS B 147 0.01 12.07 5.99
N GLU B 148 -0.69 12.83 6.84
CA GLU B 148 -0.34 12.92 8.26
C GLU B 148 -1.07 11.87 9.13
N ASP B 149 -2.40 11.84 9.06
CA ASP B 149 -3.19 10.98 9.95
C ASP B 149 -3.19 9.52 9.50
N ALA B 150 -3.48 9.28 8.22
CA ALA B 150 -3.44 7.92 7.63
C ALA B 150 -2.01 7.42 7.34
N MET B 151 -1.04 8.33 7.31
CA MET B 151 0.38 8.01 7.11
C MET B 151 0.64 7.32 5.76
N GLU B 152 -0.12 7.70 4.74
CA GLU B 152 0.00 7.11 3.40
C GLU B 152 1.24 7.64 2.67
N THR B 153 1.95 6.73 2.01
CA THR B 153 3.19 7.02 1.30
C THR B 153 3.07 6.60 -0.16
N ASP B 154 4.12 6.84 -0.94
CA ASP B 154 4.17 6.39 -2.34
C ASP B 154 3.87 4.90 -2.47
N THR B 155 4.47 4.09 -1.59
CA THR B 155 4.27 2.63 -1.61
C THR B 155 2.81 2.24 -1.46
N HIS B 156 2.08 2.92 -0.57
CA HIS B 156 0.64 2.70 -0.40
C HIS B 156 -0.14 2.85 -1.70
N TYR B 157 0.19 3.87 -2.49
CA TYR B 157 -0.51 4.14 -3.75
C TYR B 157 -0.05 3.22 -4.89
N HIS B 158 1.23 2.84 -4.89
CA HIS B 158 1.70 1.77 -5.79
C HIS B 158 0.95 0.47 -5.50
N ALA B 159 0.86 0.14 -4.20
CA ALA B 159 0.12 -1.03 -3.73
C ALA B 159 -1.38 -1.00 -4.04
N MET B 160 -1.97 0.20 -4.04
CA MET B 160 -3.37 0.38 -4.42
C MET B 160 -3.62 0.06 -5.89
N ARG B 161 -2.71 0.50 -6.76
CA ARG B 161 -2.74 0.15 -8.18
C ARG B 161 -2.70 -1.36 -8.35
N ALA B 162 -1.72 -1.99 -7.72
CA ALA B 162 -1.48 -3.43 -7.85
C ALA B 162 -2.66 -4.27 -7.35
N ASP B 163 -3.19 -3.91 -6.19
CA ASP B 163 -4.38 -4.59 -5.64
C ASP B 163 -5.57 -4.55 -6.60
N CYS B 164 -5.83 -3.38 -7.19
CA CYS B 164 -6.93 -3.21 -8.15
C CYS B 164 -6.73 -4.10 -9.37
N LEU B 165 -5.53 -4.05 -9.94
CA LEU B 165 -5.18 -4.87 -11.09
C LEU B 165 -5.26 -6.37 -10.77
N SER B 166 -4.79 -6.76 -9.58
CA SER B 166 -4.83 -8.17 -9.17
C SER B 166 -6.26 -8.67 -9.02
N GLU B 167 -7.13 -7.82 -8.46
CA GLU B 167 -8.56 -8.13 -8.37
C GLU B 167 -9.21 -8.25 -9.76
N LEU B 168 -8.91 -7.31 -10.64
CA LEU B 168 -9.39 -7.37 -12.02
C LEU B 168 -8.98 -8.69 -12.68
N ARG B 169 -7.71 -9.07 -12.53
CA ARG B 169 -7.21 -10.35 -13.05
C ARG B 169 -7.91 -11.56 -12.43
N ARG B 170 -8.17 -11.49 -11.11
CA ARG B 170 -8.89 -12.55 -10.42
C ARG B 170 -10.30 -12.76 -10.98
N TYR B 171 -11.05 -11.67 -11.13
CA TYR B 171 -12.43 -11.74 -11.65
C TYR B 171 -12.50 -12.27 -13.07
N LEU B 172 -11.58 -11.81 -13.91
CA LEU B 172 -11.47 -12.30 -15.30
C LEU B 172 -11.10 -13.78 -15.37
N LYS B 173 -10.24 -14.23 -14.46
CA LYS B 173 -9.80 -15.63 -14.42
C LYS B 173 -10.97 -16.59 -14.17
N SER B 174 -11.91 -16.20 -13.32
CA SER B 174 -13.12 -17.00 -13.06
C SER B 174 -14.21 -16.70 -14.11
N GLY B 175 -14.86 -15.55 -14.02
CA GLY B 175 -15.96 -15.19 -14.92
C GLY B 175 -16.84 -14.07 -14.38
#